data_7QA9
#
_entry.id   7QA9
#
loop_
_entity.id
_entity.type
_entity.pdbx_description
1 polymer "DNA (5'-D(*CP*CP*AP*TP*TP*AP*TP*AP*GP*C)-3')"
2 polymer "DNA (5'-D(*GP*CP*TP*AP*TP*AP*AP*TP*GP*G)-3')"
#
loop_
_entity_poly.entity_id
_entity_poly.type
_entity_poly.pdbx_seq_one_letter_code
_entity_poly.pdbx_strand_id
1 'polydeoxyribonucleotide' (DC)(DC)(DA)(DT)(DT)(DA)(DT)(DA)(DG)(DC) A
2 'polydeoxyribonucleotide' (DG)(DC)(DT)(DA)(DT)(DA)(DA)(DT)(DG)(DG) B
#